data_3P3Z
#
_entry.id   3P3Z
#
_cell.length_a   129.370
_cell.length_b   129.370
_cell.length_c   71.070
_cell.angle_alpha   90.00
_cell.angle_beta   90.00
_cell.angle_gamma   120.00
#
_symmetry.space_group_name_H-M   'H 3'
#
loop_
_entity.id
_entity.type
_entity.pdbx_description
1 polymer 'Cytochrome P450'
2 non-polymer 'PROTOPORPHYRIN IX CONTAINING FE'
3 non-polymer (S)-cyclopropyl(4-methoxyphenyl)pyrimidin-5-ylmethanol
4 non-polymer GLYCEROL
5 non-polymer 'CHLORIDE ION'
6 water water
#
_entity_poly.entity_id   1
_entity_poly.type   'polypeptide(L)'
_entity_poly.pdbx_seq_one_letter_code
;ISEFDSEGSNMSTTAHTEPSWADLPFLDFTDPNFSWDSPEVAEAREKSWIARTPLALLVLRYAEADQLARDKRLISGFRG
LVDMVGTPEGPVRDFMVDFLQSLDGADHRRLRGLATHPFTPRRITAVQPFVRSTVEQLIDKLPQGDFDFVQHFPHPLPAL
VMCQLLGFPLEDYDTVGRLSIETNLGLALSNDQDILVKVEQGLGRMFDYLVAAIEKRKVEPGDDLTSDIVRAFHDGVLDD
YELRTLVATVLVAGYETTNHQLALAMYDFAQHPDQWMKIKENPELAPQAVEEVLRWSPTLPVTATRVAAEDFEVNGVRIP
TGTPVFMCAHVAHRDPRVFADADRFDITVKREAPSIAFGGGPHFCLGTALARLELTEAVAALATRLDPPQIAGEITWRHE
LGVAGPDALPLRFGAA
;
_entity_poly.pdbx_strand_id   A
#
loop_
_chem_comp.id
_chem_comp.type
_chem_comp.name
_chem_comp.formula
CL non-polymer 'CHLORIDE ION' 'Cl -1'
GOL non-polymer GLYCEROL 'C3 H8 O3'
HEM non-polymer 'PROTOPORPHYRIN IX CONTAINING FE' 'C34 H32 Fe N4 O4'
P3Z non-polymer (S)-cyclopropyl(4-methoxyphenyl)pyrimidin-5-ylmethanol 'C15 H16 N2 O2'
#
# COMPACT_ATOMS: atom_id res chain seq x y z
N ASN A 10 10.75 -18.63 -17.14
CA ASN A 10 11.23 -18.83 -15.74
C ASN A 10 10.22 -19.58 -14.87
N MET A 11 9.02 -19.01 -14.73
CA MET A 11 7.91 -19.68 -14.05
C MET A 11 7.41 -20.88 -14.86
N SER A 12 7.52 -20.79 -16.17
CA SER A 12 7.09 -21.85 -17.08
C SER A 12 8.06 -23.03 -17.06
N THR A 13 9.36 -22.74 -16.98
CA THR A 13 10.38 -23.78 -16.92
C THR A 13 10.38 -24.48 -15.57
N THR A 14 10.09 -23.73 -14.49
CA THR A 14 9.98 -24.29 -13.15
C THR A 14 8.75 -25.21 -13.08
N ALA A 15 7.64 -24.75 -13.64
CA ALA A 15 6.39 -25.52 -13.69
C ALA A 15 6.57 -26.88 -14.35
N HIS A 16 7.37 -26.92 -15.42
CA HIS A 16 7.63 -28.17 -16.15
C HIS A 16 8.57 -29.12 -15.41
N THR A 17 9.13 -28.65 -14.28
CA THR A 17 10.05 -29.47 -13.48
C THR A 17 9.50 -29.85 -12.10
N GLU A 18 8.37 -29.27 -11.73
CA GLU A 18 7.79 -29.51 -10.40
C GLU A 18 6.44 -30.26 -10.43
N PRO A 19 6.44 -31.54 -10.01
CA PRO A 19 5.23 -32.34 -9.89
C PRO A 19 4.19 -31.78 -8.93
N SER A 20 4.65 -31.08 -7.89
CA SER A 20 3.74 -30.47 -6.91
C SER A 20 3.03 -29.22 -7.46
N TRP A 21 3.48 -28.74 -8.61
CA TRP A 21 2.85 -27.62 -9.30
C TRP A 21 1.75 -28.07 -10.29
N ALA A 22 1.72 -29.36 -10.59
CA ALA A 22 0.85 -29.92 -11.64
C ALA A 22 -0.65 -29.68 -11.47
N ASP A 23 -1.13 -29.67 -10.23
CA ASP A 23 -2.56 -29.49 -9.98
C ASP A 23 -2.94 -28.07 -9.60
N LEU A 24 -1.95 -27.18 -9.57
CA LEU A 24 -2.18 -25.77 -9.21
C LEU A 24 -2.94 -25.05 -10.31
N PRO A 25 -4.04 -24.38 -9.95
CA PRO A 25 -4.81 -23.57 -10.90
C PRO A 25 -3.98 -22.42 -11.44
N PHE A 26 -4.23 -22.06 -12.70
CA PHE A 26 -3.49 -20.97 -13.34
C PHE A 26 -4.31 -19.70 -13.37
N LEU A 27 -3.72 -18.62 -12.88
CA LEU A 27 -4.34 -17.31 -12.90
C LEU A 27 -3.42 -16.31 -13.58
N ASP A 28 -3.90 -15.70 -14.67
CA ASP A 28 -3.10 -14.72 -15.41
C ASP A 28 -3.57 -13.31 -15.06
N PHE A 29 -2.99 -12.76 -13.99
CA PHE A 29 -3.37 -11.43 -13.51
C PHE A 29 -2.69 -10.28 -14.28
N THR A 30 -1.81 -10.62 -15.22
CA THR A 30 -1.18 -9.64 -16.08
C THR A 30 -2.10 -9.27 -17.24
N ASP A 31 -3.07 -10.14 -17.50
CA ASP A 31 -4.08 -9.96 -18.55
C ASP A 31 -4.88 -8.67 -18.34
N PRO A 32 -5.14 -7.91 -19.42
CA PRO A 32 -5.88 -6.64 -19.34
C PRO A 32 -7.32 -6.76 -18.84
N ASN A 33 -7.94 -7.92 -19.06
CA ASN A 33 -9.33 -8.15 -18.66
C ASN A 33 -9.48 -9.02 -17.40
N PHE A 34 -8.43 -9.05 -16.59
CA PHE A 34 -8.42 -9.85 -15.36
C PHE A 34 -9.10 -9.10 -14.22
N SER A 35 -9.91 -9.83 -13.46
CA SER A 35 -10.56 -9.29 -12.27
C SER A 35 -10.27 -10.16 -11.05
N TRP A 36 -9.99 -9.53 -9.91
CA TRP A 36 -9.79 -10.25 -8.66
C TRP A 36 -11.11 -10.82 -8.13
N ASP A 37 -12.21 -10.22 -8.56
CA ASP A 37 -13.56 -10.64 -8.16
C ASP A 37 -14.16 -11.66 -9.13
N SER A 38 -13.36 -12.10 -10.09
CA SER A 38 -13.78 -13.10 -11.07
C SER A 38 -14.10 -14.43 -10.38
N PRO A 39 -15.10 -15.17 -10.90
CA PRO A 39 -15.43 -16.49 -10.36
C PRO A 39 -14.30 -17.50 -10.58
N GLU A 40 -13.42 -17.21 -11.54
CA GLU A 40 -12.23 -18.02 -11.81
C GLU A 40 -11.29 -17.99 -10.61
N VAL A 41 -11.16 -16.81 -10.01
CA VAL A 41 -10.26 -16.58 -8.89
C VAL A 41 -10.77 -17.26 -7.62
N ALA A 42 -12.09 -17.16 -7.40
CA ALA A 42 -12.73 -17.81 -6.26
C ALA A 42 -12.64 -19.33 -6.35
N GLU A 43 -12.81 -19.87 -7.57
CA GLU A 43 -12.65 -21.28 -7.83
C GLU A 43 -11.23 -21.77 -7.51
N ALA A 44 -10.25 -20.96 -7.91
CA ALA A 44 -8.84 -21.28 -7.67
C ALA A 44 -8.52 -21.38 -6.18
N ARG A 45 -9.08 -20.46 -5.39
CA ARG A 45 -8.91 -20.51 -3.93
C ARG A 45 -9.58 -21.75 -3.33
N GLU A 46 -10.76 -22.10 -3.86
CA GLU A 46 -11.48 -23.30 -3.43
C GLU A 46 -10.69 -24.58 -3.75
N LYS A 47 -10.07 -24.60 -4.91
CA LYS A 47 -9.28 -25.74 -5.38
C LYS A 47 -7.93 -25.85 -4.67
N SER A 48 -7.29 -24.71 -4.42
CA SER A 48 -5.91 -24.69 -3.93
C SER A 48 -5.58 -23.45 -3.09
N TRP A 49 -4.67 -23.62 -2.13
CA TRP A 49 -4.21 -22.52 -1.29
C TRP A 49 -3.26 -21.59 -2.05
N ILE A 50 -2.72 -22.10 -3.15
CA ILE A 50 -1.76 -21.37 -3.96
C ILE A 50 -2.03 -21.59 -5.45
N ALA A 51 -1.76 -20.58 -6.26
CA ALA A 51 -1.96 -20.65 -7.72
C ALA A 51 -0.69 -20.34 -8.50
N ARG A 52 -0.66 -20.76 -9.76
CA ARG A 52 0.40 -20.41 -10.69
C ARG A 52 0.03 -19.17 -11.49
N THR A 53 0.95 -18.20 -11.55
CA THR A 53 0.82 -17.03 -12.42
C THR A 53 2.07 -16.94 -13.30
N PRO A 54 2.06 -16.07 -14.33
CA PRO A 54 3.25 -15.94 -15.20
C PRO A 54 4.47 -15.34 -14.49
N LEU A 55 4.25 -14.64 -13.39
CA LEU A 55 5.34 -13.97 -12.67
C LEU A 55 5.71 -14.63 -11.35
N ALA A 56 4.74 -15.27 -10.70
CA ALA A 56 4.92 -15.79 -9.35
C ALA A 56 3.91 -16.87 -8.98
N LEU A 57 4.21 -17.59 -7.91
CA LEU A 57 3.18 -18.36 -7.22
C LEU A 57 2.35 -17.36 -6.44
N LEU A 58 1.04 -17.56 -6.43
CA LEU A 58 0.12 -16.62 -5.79
C LEU A 58 -0.67 -17.30 -4.69
N VAL A 59 -0.43 -16.90 -3.45
CA VAL A 59 -1.08 -17.48 -2.29
C VAL A 59 -2.48 -16.89 -2.15
N LEU A 60 -3.48 -17.77 -2.10
CA LEU A 60 -4.88 -17.37 -2.19
C LEU A 60 -5.66 -17.47 -0.88
N ARG A 61 -5.11 -18.17 0.09
CA ARG A 61 -5.80 -18.37 1.36
C ARG A 61 -5.17 -17.59 2.52
N TYR A 62 -6.03 -17.18 3.46
CA TYR A 62 -5.66 -16.30 4.56
C TYR A 62 -4.50 -16.84 5.41
N ALA A 63 -4.66 -18.07 5.91
CA ALA A 63 -3.68 -18.67 6.83
C ALA A 63 -2.28 -18.77 6.22
N GLU A 64 -2.20 -19.25 4.99
CA GLU A 64 -0.92 -19.41 4.30
C GLU A 64 -0.33 -18.08 3.85
N ALA A 65 -1.20 -17.10 3.57
CA ALA A 65 -0.75 -15.75 3.21
C ALA A 65 0.03 -15.10 4.35
N ASP A 66 -0.42 -15.33 5.57
CA ASP A 66 0.27 -14.86 6.76
C ASP A 66 1.52 -15.69 7.05
N GLN A 67 1.41 -17.01 6.88
CA GLN A 67 2.52 -17.93 7.11
C GLN A 67 3.73 -17.57 6.24
N LEU A 68 3.51 -17.46 4.94
CA LEU A 68 4.57 -17.25 3.98
C LEU A 68 5.12 -15.81 3.97
N ALA A 69 4.31 -14.86 4.46
CA ALA A 69 4.74 -13.47 4.60
C ALA A 69 5.74 -13.32 5.74
N ARG A 70 5.84 -14.34 6.57
CA ARG A 70 6.70 -14.35 7.74
C ARG A 70 7.85 -15.34 7.61
N ASP A 71 7.75 -16.22 6.61
CA ASP A 71 8.72 -17.30 6.42
C ASP A 71 10.11 -16.77 6.04
N LYS A 72 11.09 -17.09 6.89
CA LYS A 72 12.48 -16.64 6.71
C LYS A 72 13.15 -17.17 5.44
N ARG A 73 12.63 -18.26 4.90
CA ARG A 73 13.15 -18.85 3.66
C ARG A 73 12.70 -18.05 2.43
N LEU A 74 11.72 -17.17 2.64
CA LEU A 74 11.25 -16.27 1.60
C LEU A 74 11.78 -14.85 1.82
N ILE A 75 12.81 -14.51 1.05
CA ILE A 75 13.46 -13.20 1.12
C ILE A 75 12.59 -12.11 0.46
N SER A 76 12.74 -10.88 0.92
CA SER A 76 11.84 -9.79 0.53
C SER A 76 12.01 -9.29 -0.91
N GLY A 77 11.60 -10.16 -1.85
CA GLY A 77 11.28 -9.80 -3.23
C GLY A 77 12.22 -9.04 -4.13
N PHE A 78 12.09 -7.72 -4.12
CA PHE A 78 12.53 -6.83 -5.22
C PHE A 78 13.87 -7.08 -5.89
N ARG A 79 14.90 -7.45 -5.12
CA ARG A 79 16.22 -7.75 -5.70
C ARG A 79 16.15 -8.86 -6.76
N GLY A 80 15.34 -9.88 -6.49
CA GLY A 80 15.13 -10.99 -7.42
C GLY A 80 14.42 -10.57 -8.70
N LEU A 81 13.37 -9.75 -8.55
CA LEU A 81 12.58 -9.29 -9.69
C LEU A 81 13.34 -8.34 -10.61
N VAL A 82 14.34 -7.65 -10.06
CA VAL A 82 15.19 -6.72 -10.83
C VAL A 82 16.14 -7.47 -11.77
N ASP A 83 16.76 -8.52 -11.27
CA ASP A 83 17.73 -9.32 -12.04
C ASP A 83 17.06 -10.10 -13.18
N MET A 84 15.86 -10.61 -12.91
CA MET A 84 15.12 -11.42 -13.88
C MET A 84 14.58 -10.58 -15.04
N VAL A 85 14.07 -9.39 -14.73
CA VAL A 85 13.61 -8.44 -15.75
C VAL A 85 14.77 -7.90 -16.57
N GLY A 86 15.89 -7.60 -15.91
CA GLY A 86 17.10 -7.13 -16.57
C GLY A 86 17.23 -5.62 -16.58
N THR A 87 16.99 -5.01 -15.43
CA THR A 87 17.08 -3.55 -15.28
C THR A 87 18.54 -3.10 -15.32
N PRO A 88 18.86 -2.14 -16.21
CA PRO A 88 20.22 -1.60 -16.32
C PRO A 88 20.62 -0.79 -15.09
N GLU A 89 21.92 -0.58 -14.91
CA GLU A 89 22.45 0.18 -13.78
C GLU A 89 22.10 1.67 -13.90
N GLY A 90 21.52 2.22 -12.85
CA GLY A 90 21.11 3.62 -12.82
C GLY A 90 20.29 3.95 -11.57
N PRO A 91 19.80 5.20 -11.49
CA PRO A 91 19.00 5.68 -10.35
C PRO A 91 17.79 4.82 -10.00
N VAL A 92 17.19 4.18 -11.00
CA VAL A 92 16.03 3.33 -10.78
C VAL A 92 16.42 2.02 -10.07
N ARG A 93 17.44 1.35 -10.61
CA ARG A 93 17.93 0.09 -10.03
C ARG A 93 18.50 0.31 -8.63
N ASP A 94 19.29 1.36 -8.46
CA ASP A 94 19.87 1.74 -7.18
C ASP A 94 18.81 1.84 -6.07
N PHE A 95 17.71 2.51 -6.40
CA PHE A 95 16.61 2.67 -5.45
C PHE A 95 15.86 1.36 -5.21
N MET A 96 15.72 0.56 -6.26
CA MET A 96 14.95 -0.70 -6.18
C MET A 96 15.71 -1.85 -5.50
N VAL A 97 17.01 -1.68 -5.29
CA VAL A 97 17.82 -2.70 -4.62
C VAL A 97 18.29 -2.27 -3.22
N ASP A 98 18.22 -0.97 -2.94
CA ASP A 98 18.74 -0.42 -1.68
C ASP A 98 17.67 0.16 -0.75
N PHE A 99 16.44 0.34 -1.27
CA PHE A 99 15.35 0.84 -0.41
C PHE A 99 14.85 -0.25 0.54
N LEU A 100 14.14 0.19 1.59
CA LEU A 100 13.82 -0.66 2.74
C LEU A 100 13.22 -2.04 2.40
N GLN A 101 12.29 -2.07 1.44
CA GLN A 101 11.60 -3.29 1.04
CA GLN A 101 11.59 -3.30 1.06
C GLN A 101 12.50 -4.32 0.37
N SER A 102 13.69 -3.89 -0.07
CA SER A 102 14.66 -4.76 -0.74
C SER A 102 15.70 -5.36 0.20
N LEU A 103 15.80 -4.82 1.40
CA LEU A 103 16.84 -5.24 2.35
C LEU A 103 16.35 -6.31 3.31
N ASP A 104 17.28 -7.10 3.83
CA ASP A 104 16.99 -8.12 4.84
C ASP A 104 18.14 -8.24 5.84
N GLY A 105 17.88 -8.94 6.94
CA GLY A 105 18.90 -9.17 7.95
C GLY A 105 19.27 -7.93 8.76
N ALA A 106 20.57 -7.71 8.91
CA ALA A 106 21.11 -6.65 9.76
C ALA A 106 20.87 -5.23 9.24
N ASP A 107 20.97 -5.04 7.93
CA ASP A 107 20.78 -3.72 7.32
C ASP A 107 19.32 -3.25 7.37
N HIS A 108 18.39 -4.20 7.30
CA HIS A 108 16.97 -3.92 7.35
C HIS A 108 16.54 -3.45 8.75
N ARG A 109 16.95 -4.19 9.78
CA ARG A 109 16.66 -3.83 11.17
C ARG A 109 17.28 -2.49 11.55
N ARG A 110 18.47 -2.22 11.01
CA ARG A 110 19.18 -0.98 11.24
C ARG A 110 18.44 0.22 10.64
N LEU A 111 18.09 0.14 9.36
CA LEU A 111 17.44 1.25 8.67
C LEU A 111 15.97 1.44 9.04
N ARG A 112 15.25 0.33 9.27
CA ARG A 112 13.84 0.39 9.66
C ARG A 112 13.67 0.95 11.08
N GLY A 113 14.58 0.57 11.97
CA GLY A 113 14.56 1.03 13.36
C GLY A 113 14.69 2.54 13.52
N LEU A 114 15.28 3.20 12.54
CA LEU A 114 15.47 4.65 12.56
C LEU A 114 14.20 5.42 12.20
N ALA A 115 13.23 4.72 11.60
CA ALA A 115 12.00 5.36 11.13
C ALA A 115 10.74 4.81 11.82
N THR A 116 10.94 4.05 12.90
CA THR A 116 9.83 3.38 13.60
C THR A 116 9.15 4.23 14.68
N HIS A 117 9.92 5.17 15.25
CA HIS A 117 9.46 5.97 16.39
CA HIS A 117 9.44 5.95 16.40
C HIS A 117 8.16 6.76 16.18
N PRO A 118 7.97 7.35 14.96
CA PRO A 118 6.72 8.13 14.86
C PRO A 118 5.46 7.28 14.67
N PHE A 119 5.62 5.95 14.62
CA PHE A 119 4.49 5.05 14.39
C PHE A 119 4.13 4.22 15.62
N THR A 120 4.76 4.54 16.76
CA THR A 120 4.41 3.95 18.05
C THR A 120 3.06 4.49 18.51
N PRO A 121 2.33 3.71 19.35
CA PRO A 121 1.00 4.10 19.84
C PRO A 121 0.95 5.49 20.49
N ARG A 122 2.06 5.93 21.08
CA ARG A 122 2.15 7.25 21.68
C ARG A 122 2.24 8.37 20.65
N ARG A 123 2.99 8.14 19.59
CA ARG A 123 3.18 9.15 18.55
C ARG A 123 1.98 9.27 17.60
N ILE A 124 1.23 8.17 17.45
CA ILE A 124 -0.01 8.16 16.68
C ILE A 124 -1.09 8.98 17.41
N THR A 125 -1.12 8.86 18.73
CA THR A 125 -2.00 9.67 19.58
C THR A 125 -1.60 11.15 19.48
N ALA A 126 -0.29 11.41 19.46
CA ALA A 126 0.25 12.77 19.39
C ALA A 126 -0.07 13.48 18.07
N VAL A 127 -0.09 12.73 16.97
CA VAL A 127 -0.35 13.30 15.66
C VAL A 127 -1.85 13.34 15.32
N GLN A 128 -2.64 12.60 16.10
CA GLN A 128 -4.10 12.49 15.90
C GLN A 128 -4.85 13.82 15.77
N PRO A 129 -4.55 14.81 16.64
CA PRO A 129 -5.25 16.11 16.52
C PRO A 129 -5.02 16.82 15.19
N PHE A 130 -3.81 16.72 14.63
CA PHE A 130 -3.51 17.27 13.32
C PHE A 130 -4.34 16.60 12.23
N VAL A 131 -4.45 15.27 12.32
CA VAL A 131 -5.23 14.48 11.37
C VAL A 131 -6.70 14.84 11.43
N ARG A 132 -7.24 14.94 12.65
CA ARG A 132 -8.64 15.30 12.87
C ARG A 132 -9.00 16.68 12.31
N SER A 133 -8.16 17.67 12.63
CA SER A 133 -8.40 19.04 12.18
C SER A 133 -8.16 19.23 10.68
N THR A 134 -7.24 18.45 10.11
CA THR A 134 -7.01 18.43 8.66
C THR A 134 -8.25 17.90 7.94
N VAL A 135 -8.76 16.76 8.41
CA VAL A 135 -10.01 16.18 7.91
C VAL A 135 -11.15 17.20 8.02
N GLU A 136 -11.29 17.81 9.19
CA GLU A 136 -12.33 18.82 9.45
C GLU A 136 -12.28 19.96 8.44
N GLN A 137 -11.08 20.52 8.23
CA GLN A 137 -10.89 21.64 7.31
C GLN A 137 -11.19 21.30 5.86
N LEU A 138 -10.78 20.10 5.43
CA LEU A 138 -11.02 19.65 4.06
C LEU A 138 -12.50 19.43 3.75
N ILE A 139 -13.25 18.97 4.76
CA ILE A 139 -14.70 18.81 4.64
C ILE A 139 -15.41 20.19 4.56
N ASP A 140 -14.92 21.16 5.32
CA ASP A 140 -15.44 22.53 5.31
C ASP A 140 -15.40 23.16 3.91
N LYS A 141 -14.33 22.87 3.16
CA LYS A 141 -14.12 23.50 1.85
C LYS A 141 -14.46 22.60 0.66
N LEU A 142 -15.21 21.52 0.90
CA LEU A 142 -15.68 20.66 -0.17
C LEU A 142 -16.70 21.41 -1.04
N PRO A 143 -16.65 21.18 -2.37
CA PRO A 143 -17.67 21.72 -3.27
C PRO A 143 -19.04 21.14 -2.97
N GLN A 144 -20.09 21.86 -3.35
CA GLN A 144 -21.46 21.45 -3.05
C GLN A 144 -22.03 20.46 -4.07
N GLY A 145 -21.49 20.45 -5.28
CA GLY A 145 -22.01 19.61 -6.35
C GLY A 145 -21.17 18.37 -6.62
N ASP A 146 -20.96 18.11 -7.91
CA ASP A 146 -20.17 16.97 -8.37
C ASP A 146 -18.70 17.36 -8.45
N PHE A 147 -17.86 16.66 -7.70
CA PHE A 147 -16.44 17.00 -7.62
C PHE A 147 -15.56 15.76 -7.52
N ASP A 148 -14.31 15.91 -7.95
CA ASP A 148 -13.32 14.85 -7.80
C ASP A 148 -12.95 14.70 -6.33
N PHE A 149 -13.31 13.57 -5.75
CA PHE A 149 -13.02 13.28 -4.35
C PHE A 149 -11.51 13.21 -4.11
N VAL A 150 -10.76 12.74 -5.10
CA VAL A 150 -9.29 12.65 -5.01
C VAL A 150 -8.65 14.04 -4.83
N GLN A 151 -8.94 14.95 -5.76
CA GLN A 151 -8.40 16.31 -5.74
C GLN A 151 -8.71 17.06 -4.44
N HIS A 152 -9.91 16.86 -3.91
CA HIS A 152 -10.41 17.65 -2.77
C HIS A 152 -10.25 17.01 -1.38
N PHE A 153 -9.87 15.73 -1.33
CA PHE A 153 -9.74 15.05 -0.03
C PHE A 153 -8.59 14.01 0.11
N PRO A 154 -8.65 12.88 -0.61
CA PRO A 154 -7.64 11.84 -0.41
C PRO A 154 -6.27 12.16 -1.02
N HIS A 155 -6.17 13.18 -1.85
CA HIS A 155 -4.86 13.72 -2.21
C HIS A 155 -4.33 14.60 -1.07
N PRO A 156 -5.06 15.69 -0.72
CA PRO A 156 -4.52 16.59 0.31
C PRO A 156 -4.28 15.97 1.68
N LEU A 157 -5.19 15.11 2.14
CA LEU A 157 -5.08 14.53 3.50
C LEU A 157 -3.75 13.79 3.76
N PRO A 158 -3.45 12.72 3.00
CA PRO A 158 -2.18 12.03 3.24
C PRO A 158 -0.94 12.85 2.89
N ALA A 159 -1.09 13.77 1.92
CA ALA A 159 -0.01 14.67 1.54
C ALA A 159 0.34 15.62 2.67
N LEU A 160 -0.69 16.22 3.28
CA LEU A 160 -0.52 17.13 4.42
C LEU A 160 0.05 16.41 5.63
N VAL A 161 -0.45 15.21 5.91
CA VAL A 161 0.06 14.37 6.99
C VAL A 161 1.52 14.00 6.72
N MET A 162 1.85 13.75 5.46
CA MET A 162 3.21 13.41 5.05
C MET A 162 4.17 14.60 5.21
N CYS A 163 3.67 15.80 4.93
CA CYS A 163 4.43 17.04 5.12
C CYS A 163 4.67 17.30 6.61
N GLN A 164 3.66 16.99 7.42
CA GLN A 164 3.74 17.13 8.87
C GLN A 164 4.72 16.13 9.48
N LEU A 165 4.70 14.90 8.95
CA LEU A 165 5.57 13.83 9.42
C LEU A 165 7.04 14.09 9.05
N LEU A 166 7.29 14.40 7.79
CA LEU A 166 8.65 14.53 7.27
C LEU A 166 9.21 15.94 7.40
N GLY A 167 8.43 16.85 7.97
CA GLY A 167 8.88 18.21 8.28
C GLY A 167 8.95 19.17 7.11
N PHE A 168 8.24 18.85 6.04
CA PHE A 168 8.10 19.77 4.92
C PHE A 168 7.08 20.84 5.26
N PRO A 169 7.20 22.04 4.66
CA PRO A 169 6.14 23.04 4.80
C PRO A 169 4.80 22.50 4.32
N LEU A 170 3.74 22.76 5.08
CA LEU A 170 2.40 22.23 4.78
C LEU A 170 1.86 22.76 3.45
N GLU A 171 2.31 23.95 3.07
CA GLU A 171 1.94 24.59 1.80
C GLU A 171 2.42 23.82 0.57
N ASP A 172 3.36 22.89 0.77
CA ASP A 172 3.93 22.11 -0.32
C ASP A 172 3.23 20.77 -0.56
N TYR A 173 2.07 20.58 0.05
CA TYR A 173 1.33 19.31 -0.04
C TYR A 173 1.00 18.91 -1.49
N ASP A 174 0.71 19.91 -2.32
CA ASP A 174 0.43 19.71 -3.75
C ASP A 174 1.66 19.26 -4.51
N THR A 175 2.81 19.89 -4.22
CA THR A 175 4.08 19.55 -4.84
C THR A 175 4.57 18.18 -4.37
N VAL A 176 4.51 17.94 -3.06
CA VAL A 176 4.95 16.69 -2.44
C VAL A 176 4.16 15.48 -2.96
N GLY A 177 2.84 15.62 -3.01
CA GLY A 177 1.96 14.57 -3.53
C GLY A 177 2.21 14.29 -5.01
N ARG A 178 2.44 15.36 -5.77
CA ARG A 178 2.75 15.28 -7.18
C ARG A 178 4.10 14.60 -7.43
N LEU A 179 5.08 14.91 -6.57
CA LEU A 179 6.41 14.29 -6.66
C LEU A 179 6.40 12.81 -6.31
N SER A 180 5.46 12.40 -5.45
CA SER A 180 5.32 10.99 -5.06
C SER A 180 4.68 10.15 -6.15
N ILE A 181 3.64 10.68 -6.80
CA ILE A 181 2.95 9.99 -7.90
C ILE A 181 3.88 9.79 -9.10
N GLU A 182 4.57 10.85 -9.50
CA GLU A 182 5.35 10.87 -10.74
C GLU A 182 6.60 9.98 -10.72
N THR A 183 6.96 9.45 -9.55
CA THR A 183 8.07 8.50 -9.43
C THR A 183 7.76 7.19 -10.15
N ASN A 184 6.49 6.78 -10.08
CA ASN A 184 5.99 5.57 -10.74
C ASN A 184 6.81 4.32 -10.44
N LEU A 185 6.76 3.87 -9.19
CA LEU A 185 7.49 2.68 -8.76
C LEU A 185 6.86 1.39 -9.30
N GLY A 186 5.56 1.45 -9.60
CA GLY A 186 4.84 0.31 -10.18
C GLY A 186 5.28 -0.01 -11.61
N LEU A 187 5.97 0.95 -12.23
CA LEU A 187 6.49 0.78 -13.58
C LEU A 187 8.02 0.76 -13.60
N ALA A 188 8.62 0.55 -12.42
CA ALA A 188 10.08 0.48 -12.30
C ALA A 188 10.63 -0.86 -12.74
N LEU A 189 9.81 -1.91 -12.60
CA LEU A 189 10.18 -3.25 -13.02
C LEU A 189 9.80 -3.54 -14.48
N SER A 190 9.56 -2.47 -15.24
CA SER A 190 9.20 -2.59 -16.65
C SER A 190 10.41 -2.94 -17.52
N ASN A 191 10.13 -3.58 -18.65
CA ASN A 191 11.18 -3.99 -19.59
C ASN A 191 11.50 -2.90 -20.62
N ASP A 192 10.54 -1.99 -20.83
CA ASP A 192 10.69 -0.90 -21.78
C ASP A 192 11.62 0.20 -21.25
N GLN A 193 12.38 0.80 -22.16
CA GLN A 193 13.33 1.87 -21.82
C GLN A 193 12.65 3.24 -21.66
N ASP A 194 11.71 3.55 -22.55
CA ASP A 194 10.97 4.81 -22.52
C ASP A 194 10.15 4.99 -21.25
N ILE A 195 9.69 3.88 -20.69
CA ILE A 195 8.98 3.86 -19.41
C ILE A 195 9.96 4.08 -18.26
N LEU A 196 11.11 3.41 -18.34
CA LEU A 196 12.15 3.49 -17.31
C LEU A 196 12.83 4.86 -17.24
N VAL A 197 12.74 5.61 -18.33
CA VAL A 197 13.29 6.97 -18.41
C VAL A 197 12.46 7.96 -17.60
N LYS A 198 11.13 7.88 -17.71
CA LYS A 198 10.24 8.76 -16.96
C LYS A 198 10.13 8.39 -15.48
N VAL A 199 10.53 7.16 -15.14
CA VAL A 199 10.66 6.72 -13.76
C VAL A 199 11.95 7.31 -13.17
N GLU A 200 13.01 7.32 -13.98
CA GLU A 200 14.30 7.89 -13.60
C GLU A 200 14.20 9.40 -13.33
N GLN A 201 13.44 10.08 -14.19
CA GLN A 201 13.24 11.53 -14.08
C GLN A 201 12.24 11.87 -12.97
N GLY A 202 11.34 10.94 -12.69
CA GLY A 202 10.37 11.10 -11.60
C GLY A 202 11.02 11.01 -10.23
N LEU A 203 12.01 10.11 -10.11
CA LEU A 203 12.78 9.94 -8.89
C LEU A 203 13.70 11.13 -8.66
N GLY A 204 14.39 11.55 -9.72
CA GLY A 204 15.31 12.68 -9.68
C GLY A 204 14.69 13.96 -9.15
N ARG A 205 13.51 14.30 -9.68
CA ARG A 205 12.77 15.49 -9.26
C ARG A 205 12.35 15.45 -7.79
N MET A 206 11.94 14.26 -7.32
CA MET A 206 11.57 14.07 -5.92
C MET A 206 12.79 14.12 -5.01
N PHE A 207 13.90 13.55 -5.47
CA PHE A 207 15.17 13.62 -4.76
C PHE A 207 15.73 15.05 -4.69
N ASP A 208 15.41 15.86 -5.70
CA ASP A 208 15.79 17.27 -5.72
C ASP A 208 15.13 18.03 -4.58
N TYR A 209 13.88 17.67 -4.27
CA TYR A 209 13.14 18.25 -3.16
C TYR A 209 13.65 17.73 -1.82
N LEU A 210 13.96 16.43 -1.78
CA LEU A 210 14.39 15.75 -0.55
C LEU A 210 15.77 16.16 -0.07
N VAL A 211 16.72 16.27 -1.00
CA VAL A 211 18.10 16.67 -0.67
C VAL A 211 18.12 18.07 -0.05
N ALA A 212 17.31 18.97 -0.61
CA ALA A 212 17.17 20.33 -0.08
C ALA A 212 16.62 20.34 1.35
N ALA A 213 15.66 19.45 1.63
CA ALA A 213 15.06 19.34 2.95
C ALA A 213 15.96 18.67 3.98
N ILE A 214 16.79 17.73 3.52
CA ILE A 214 17.72 17.00 4.38
C ILE A 214 18.87 17.87 4.88
N GLU A 215 19.49 18.61 3.96
CA GLU A 215 20.59 19.53 4.30
C GLU A 215 20.11 20.68 5.17
N LYS A 216 18.83 21.03 5.03
CA LYS A 216 18.17 22.02 5.87
C LYS A 216 18.04 21.51 7.30
N ARG A 217 17.84 20.21 7.45
CA ARG A 217 17.71 19.56 8.76
C ARG A 217 19.06 19.30 9.43
N LYS A 218 20.12 19.28 8.62
CA LYS A 218 21.48 19.08 9.14
C LYS A 218 22.02 20.30 9.88
N VAL A 219 21.36 21.45 9.70
CA VAL A 219 21.74 22.68 10.40
C VAL A 219 20.67 23.14 11.41
N GLU A 220 19.40 22.98 11.06
CA GLU A 220 18.29 23.31 11.96
C GLU A 220 17.22 22.21 12.03
N PRO A 221 17.43 21.22 12.91
CA PRO A 221 16.48 20.12 13.07
C PRO A 221 15.27 20.49 13.92
N GLY A 222 14.16 19.77 13.72
CA GLY A 222 12.95 19.97 14.50
C GLY A 222 12.51 18.68 15.18
N ASP A 223 11.19 18.49 15.29
CA ASP A 223 10.62 17.29 15.90
C ASP A 223 10.19 16.25 14.86
N ASP A 224 10.45 16.56 13.59
CA ASP A 224 10.02 15.71 12.47
C ASP A 224 10.92 14.50 12.24
N LEU A 225 10.45 13.57 11.42
CA LEU A 225 11.15 12.31 11.12
C LEU A 225 12.48 12.52 10.38
N THR A 226 12.52 13.47 9.45
CA THR A 226 13.73 13.79 8.71
C THR A 226 14.84 14.25 9.67
N SER A 227 14.47 15.06 10.66
CA SER A 227 15.41 15.53 11.69
C SER A 227 16.00 14.38 12.52
N ASP A 228 15.19 13.35 12.77
CA ASP A 228 15.60 12.21 13.58
C ASP A 228 16.57 11.29 12.83
N ILE A 229 16.34 11.11 11.53
CA ILE A 229 17.23 10.32 10.68
C ILE A 229 18.56 11.06 10.46
N VAL A 230 18.48 12.39 10.45
CA VAL A 230 19.66 13.26 10.37
C VAL A 230 20.54 13.13 11.63
N ARG A 231 19.90 12.94 12.78
CA ARG A 231 20.62 12.71 14.04
C ARG A 231 21.44 11.43 13.98
N ALA A 232 20.89 10.42 13.33
CA ALA A 232 21.57 9.14 13.12
C ALA A 232 22.75 9.29 12.14
N PHE A 233 22.59 10.16 11.15
CA PHE A 233 23.68 10.49 10.22
C PHE A 233 24.84 11.17 10.95
N HIS A 234 24.50 12.07 11.88
CA HIS A 234 25.50 12.73 12.72
C HIS A 234 26.21 11.73 13.64
N ASP A 235 25.48 10.68 14.03
CA ASP A 235 26.02 9.61 14.88
C ASP A 235 26.73 8.51 14.07
N GLY A 236 26.66 8.61 12.74
CA GLY A 236 27.33 7.68 11.85
C GLY A 236 26.63 6.35 11.68
N VAL A 237 25.33 6.32 11.94
CA VAL A 237 24.52 5.11 11.79
C VAL A 237 24.30 4.80 10.31
N LEU A 238 24.09 5.85 9.51
CA LEU A 238 23.90 5.70 8.07
C LEU A 238 24.53 6.88 7.31
N ASP A 239 24.95 6.62 6.08
CA ASP A 239 25.54 7.65 5.23
C ASP A 239 24.47 8.52 4.55
N ASP A 240 24.91 9.46 3.71
CA ASP A 240 24.00 10.40 3.04
C ASP A 240 23.11 9.73 1.99
N TYR A 241 23.66 8.71 1.32
CA TYR A 241 22.89 7.95 0.32
C TYR A 241 21.75 7.17 0.98
N GLU A 242 22.05 6.54 2.10
CA GLU A 242 21.06 5.79 2.88
C GLU A 242 20.00 6.70 3.50
N LEU A 243 20.41 7.94 3.81
CA LEU A 243 19.51 8.92 4.41
C LEU A 243 18.39 9.30 3.46
N ARG A 244 18.75 9.79 2.26
CA ARG A 244 17.77 10.22 1.26
C ARG A 244 16.94 9.07 0.68
N THR A 245 17.48 7.86 0.71
CA THR A 245 16.76 6.67 0.25
C THR A 245 15.69 6.28 1.26
N LEU A 246 16.01 6.36 2.55
CA LEU A 246 15.07 6.05 3.62
C LEU A 246 13.91 7.05 3.66
N VAL A 247 14.23 8.34 3.56
CA VAL A 247 13.21 9.41 3.56
C VAL A 247 12.32 9.30 2.32
N ALA A 248 12.90 8.90 1.20
CA ALA A 248 12.15 8.68 -0.05
C ALA A 248 11.16 7.52 0.08
N THR A 249 11.62 6.43 0.68
CA THR A 249 10.80 5.24 0.88
C THR A 249 9.55 5.58 1.70
N VAL A 250 9.76 6.25 2.83
CA VAL A 250 8.66 6.65 3.72
C VAL A 250 7.64 7.52 2.96
N LEU A 251 8.15 8.51 2.22
CA LEU A 251 7.30 9.43 1.46
C LEU A 251 6.45 8.74 0.38
N VAL A 252 7.11 8.04 -0.54
CA VAL A 252 6.44 7.37 -1.65
C VAL A 252 5.38 6.38 -1.16
N ALA A 253 5.75 5.56 -0.18
CA ALA A 253 4.85 4.57 0.41
C ALA A 253 3.70 5.22 1.17
N GLY A 254 3.98 6.37 1.79
CA GLY A 254 3.03 7.01 2.69
C GLY A 254 1.90 7.81 2.06
N TYR A 255 2.01 8.11 0.76
CA TYR A 255 1.02 8.97 0.12
C TYR A 255 0.03 8.25 -0.79
N GLU A 256 0.53 7.62 -1.86
CA GLU A 256 -0.31 7.15 -2.97
C GLU A 256 -1.35 6.11 -2.58
N THR A 257 -0.96 5.16 -1.73
CA THR A 257 -1.87 4.08 -1.34
C THR A 257 -2.92 4.52 -0.33
N THR A 258 -2.55 5.44 0.56
CA THR A 258 -3.50 6.04 1.50
C THR A 258 -4.54 6.86 0.71
N ASN A 259 -4.06 7.61 -0.27
CA ASN A 259 -4.90 8.31 -1.25
C ASN A 259 -5.94 7.37 -1.87
N HIS A 260 -5.46 6.31 -2.51
CA HIS A 260 -6.32 5.34 -3.20
C HIS A 260 -7.29 4.64 -2.25
N GLN A 261 -6.81 4.29 -1.06
CA GLN A 261 -7.63 3.60 -0.07
C GLN A 261 -8.83 4.43 0.39
N LEU A 262 -8.61 5.73 0.56
CA LEU A 262 -9.69 6.66 0.90
C LEU A 262 -10.72 6.78 -0.23
N ALA A 263 -10.25 6.74 -1.47
CA ALA A 263 -11.12 6.77 -2.63
C ALA A 263 -11.93 5.48 -2.73
N LEU A 264 -11.27 4.36 -2.49
CA LEU A 264 -11.93 3.05 -2.48
C LEU A 264 -12.98 2.96 -1.36
N ALA A 265 -12.73 3.62 -0.23
CA ALA A 265 -13.69 3.72 0.86
C ALA A 265 -15.01 4.33 0.40
N MET A 266 -14.92 5.44 -0.34
CA MET A 266 -16.10 6.14 -0.85
C MET A 266 -16.84 5.34 -1.90
N TYR A 267 -16.07 4.70 -2.78
CA TYR A 267 -16.60 3.84 -3.83
C TYR A 267 -17.42 2.69 -3.22
N ASP A 268 -16.92 2.13 -2.13
CA ASP A 268 -17.61 1.07 -1.39
C ASP A 268 -18.96 1.55 -0.85
N PHE A 269 -18.96 2.70 -0.19
CA PHE A 269 -20.17 3.25 0.41
C PHE A 269 -21.14 3.86 -0.60
N ALA A 270 -20.64 4.17 -1.79
CA ALA A 270 -21.50 4.56 -2.91
C ALA A 270 -22.44 3.42 -3.30
N GLN A 271 -21.96 2.19 -3.11
N GLN A 271 -21.97 2.18 -3.13
CA GLN A 271 -22.73 0.98 -3.37
CA GLN A 271 -22.80 1.00 -3.39
C GLN A 271 -23.60 0.60 -2.18
C GLN A 271 -23.59 0.56 -2.17
N HIS A 272 -23.17 1.00 -0.98
CA HIS A 272 -23.86 0.65 0.27
C HIS A 272 -24.17 1.90 1.13
N PRO A 273 -25.13 2.73 0.68
CA PRO A 273 -25.46 3.97 1.39
C PRO A 273 -26.14 3.72 2.73
N ASP A 274 -26.82 2.57 2.85
CA ASP A 274 -27.45 2.14 4.10
C ASP A 274 -26.42 1.97 5.23
N GLN A 275 -25.24 1.48 4.87
CA GLN A 275 -24.17 1.26 5.84
C GLN A 275 -23.47 2.56 6.22
N TRP A 276 -23.42 3.49 5.29
CA TRP A 276 -22.94 4.85 5.55
C TRP A 276 -23.80 5.53 6.62
N MET A 277 -25.12 5.39 6.49
CA MET A 277 -26.08 5.93 7.45
C MET A 277 -25.93 5.31 8.84
N LYS A 278 -25.51 4.05 8.89
CA LYS A 278 -25.27 3.36 10.15
C LYS A 278 -24.07 3.93 10.91
N ILE A 279 -23.05 4.38 10.17
CA ILE A 279 -21.91 5.09 10.78
C ILE A 279 -22.35 6.49 11.25
N LYS A 280 -23.27 7.10 10.51
CA LYS A 280 -23.83 8.40 10.89
C LYS A 280 -24.55 8.31 12.24
N GLU A 281 -25.32 7.23 12.41
CA GLU A 281 -26.01 6.96 13.67
C GLU A 281 -25.02 6.67 14.80
N ASN A 282 -24.12 5.72 14.56
CA ASN A 282 -23.11 5.33 15.53
C ASN A 282 -21.69 5.51 14.98
N PRO A 283 -21.09 6.71 15.16
CA PRO A 283 -19.76 7.05 14.66
C PRO A 283 -18.65 6.12 15.16
N GLU A 284 -18.91 5.40 16.25
CA GLU A 284 -17.97 4.44 16.84
C GLU A 284 -17.73 3.23 15.93
N LEU A 285 -18.56 3.08 14.91
CA LEU A 285 -18.43 1.99 13.94
C LEU A 285 -17.30 2.22 12.93
N ALA A 286 -16.74 3.42 12.91
CA ALA A 286 -15.73 3.82 11.93
C ALA A 286 -14.52 2.88 11.80
N PRO A 287 -13.87 2.51 12.94
CA PRO A 287 -12.73 1.58 12.85
C PRO A 287 -13.12 0.23 12.26
N GLN A 288 -14.29 -0.28 12.63
CA GLN A 288 -14.79 -1.54 12.10
C GLN A 288 -15.11 -1.41 10.61
N ALA A 289 -15.65 -0.25 10.24
CA ALA A 289 -15.95 0.06 8.85
C ALA A 289 -14.69 0.13 7.99
N VAL A 290 -13.66 0.78 8.54
CA VAL A 290 -12.36 0.91 7.87
C VAL A 290 -11.74 -0.46 7.63
N GLU A 291 -11.85 -1.34 8.61
CA GLU A 291 -11.34 -2.70 8.50
C GLU A 291 -12.07 -3.48 7.42
N GLU A 292 -13.36 -3.23 7.27
CA GLU A 292 -14.17 -3.86 6.23
C GLU A 292 -13.81 -3.33 4.84
N VAL A 293 -13.48 -2.04 4.77
CA VAL A 293 -12.99 -1.41 3.54
C VAL A 293 -11.64 -2.02 3.15
N LEU A 294 -10.78 -2.21 4.14
CA LEU A 294 -9.46 -2.83 3.92
C LEU A 294 -9.60 -4.30 3.50
N ARG A 295 -10.59 -5.00 4.06
CA ARG A 295 -10.85 -6.38 3.71
C ARG A 295 -11.45 -6.49 2.31
N TRP A 296 -12.51 -5.73 2.08
CA TRP A 296 -13.30 -5.81 0.85
C TRP A 296 -12.57 -5.25 -0.37
N SER A 297 -11.85 -4.16 -0.19
CA SER A 297 -11.22 -3.45 -1.29
C SER A 297 -9.85 -2.89 -0.89
N PRO A 298 -8.86 -3.78 -0.66
CA PRO A 298 -7.52 -3.30 -0.33
C PRO A 298 -6.85 -2.63 -1.52
N THR A 299 -6.24 -1.46 -1.30
CA THR A 299 -5.56 -0.73 -2.38
C THR A 299 -4.42 -1.54 -3.01
N LEU A 300 -3.83 -2.44 -2.24
CA LEU A 300 -2.84 -3.38 -2.74
C LEU A 300 -3.39 -4.81 -2.64
N PRO A 301 -4.07 -5.30 -3.70
CA PRO A 301 -4.61 -6.65 -3.71
C PRO A 301 -3.51 -7.70 -3.53
N VAL A 302 -2.32 -7.38 -4.02
CA VAL A 302 -1.12 -8.14 -3.72
C VAL A 302 -0.32 -7.33 -2.71
N THR A 303 -0.07 -7.94 -1.55
CA THR A 303 0.55 -7.23 -0.44
C THR A 303 2.04 -7.54 -0.31
N ALA A 304 2.36 -8.69 0.26
CA ALA A 304 3.75 -9.11 0.45
C ALA A 304 4.27 -9.83 -0.78
N THR A 305 5.40 -9.36 -1.29
CA THR A 305 6.07 -10.02 -2.41
C THR A 305 7.41 -10.59 -1.92
N ARG A 306 7.63 -11.86 -2.22
CA ARG A 306 8.82 -12.56 -1.72
C ARG A 306 9.49 -13.40 -2.80
N VAL A 307 10.74 -13.76 -2.56
CA VAL A 307 11.48 -14.68 -3.42
C VAL A 307 12.12 -15.74 -2.53
N ALA A 308 12.00 -17.00 -2.94
CA ALA A 308 12.61 -18.11 -2.20
C ALA A 308 14.13 -18.04 -2.29
N ALA A 309 14.78 -18.03 -1.11
CA ALA A 309 16.24 -17.98 -1.03
C ALA A 309 16.84 -19.39 -1.01
N GLU A 310 15.97 -20.39 -0.87
CA GLU A 310 16.39 -21.79 -0.82
C GLU A 310 15.26 -22.71 -1.28
N ASP A 311 15.59 -23.97 -1.58
CA ASP A 311 14.59 -24.99 -1.88
C ASP A 311 13.91 -25.41 -0.58
N PHE A 312 12.58 -25.30 -0.55
CA PHE A 312 11.81 -25.75 0.61
C PHE A 312 10.40 -26.17 0.21
N GLU A 313 9.67 -26.77 1.15
CA GLU A 313 8.32 -27.26 0.90
C GLU A 313 7.35 -26.72 1.94
N VAL A 314 6.19 -26.27 1.47
CA VAL A 314 5.09 -25.84 2.34
C VAL A 314 3.76 -26.34 1.81
N ASN A 315 2.94 -26.89 2.70
CA ASN A 315 1.64 -27.48 2.36
C ASN A 315 1.62 -28.27 1.05
N GLY A 316 2.56 -29.20 0.92
CA GLY A 316 2.61 -30.12 -0.22
C GLY A 316 3.19 -29.56 -1.51
N VAL A 317 3.66 -28.31 -1.47
CA VAL A 317 4.19 -27.65 -2.65
C VAL A 317 5.68 -27.35 -2.48
N ARG A 318 6.49 -27.82 -3.43
CA ARG A 318 7.92 -27.49 -3.46
C ARG A 318 8.13 -26.12 -4.09
N ILE A 319 8.86 -25.27 -3.37
CA ILE A 319 9.21 -23.94 -3.87
C ILE A 319 10.72 -23.85 -4.04
N PRO A 320 11.20 -23.93 -5.30
CA PRO A 320 12.62 -23.86 -5.61
C PRO A 320 13.21 -22.46 -5.41
N THR A 321 14.53 -22.39 -5.23
CA THR A 321 15.25 -21.13 -5.07
C THR A 321 14.97 -20.20 -6.25
N GLY A 322 14.69 -18.93 -5.94
CA GLY A 322 14.47 -17.92 -6.97
C GLY A 322 13.02 -17.79 -7.42
N THR A 323 12.14 -18.62 -6.86
CA THR A 323 10.71 -18.55 -7.17
C THR A 323 10.06 -17.39 -6.44
N PRO A 324 9.47 -16.45 -7.20
CA PRO A 324 8.69 -15.38 -6.57
C PRO A 324 7.38 -15.91 -6.01
N VAL A 325 7.02 -15.44 -4.82
CA VAL A 325 5.77 -15.80 -4.17
C VAL A 325 5.05 -14.53 -3.74
N PHE A 326 3.84 -14.33 -4.27
CA PHE A 326 3.04 -13.15 -3.96
C PHE A 326 1.85 -13.52 -3.07
N MET A 327 1.64 -12.76 -2.00
CA MET A 327 0.49 -12.95 -1.13
C MET A 327 -0.68 -12.12 -1.65
N CYS A 328 -1.74 -12.81 -2.06
CA CYS A 328 -2.92 -12.16 -2.60
C CYS A 328 -3.93 -11.84 -1.50
N ALA A 329 -3.75 -10.70 -0.84
CA ALA A 329 -4.62 -10.29 0.27
C ALA A 329 -6.08 -10.16 -0.14
N HIS A 330 -6.34 -9.61 -1.33
CA HIS A 330 -7.70 -9.42 -1.83
C HIS A 330 -8.50 -10.72 -1.82
N VAL A 331 -7.89 -11.79 -2.31
CA VAL A 331 -8.52 -13.11 -2.38
C VAL A 331 -8.54 -13.75 -0.99
N ALA A 332 -7.46 -13.60 -0.24
CA ALA A 332 -7.38 -14.10 1.14
C ALA A 332 -8.44 -13.45 2.03
N HIS A 333 -8.81 -12.22 1.72
CA HIS A 333 -9.83 -11.48 2.46
C HIS A 333 -11.24 -12.04 2.26
N ARG A 334 -11.42 -12.90 1.27
CA ARG A 334 -12.72 -13.51 0.99
C ARG A 334 -12.70 -15.01 1.23
N ASP A 335 -11.71 -15.44 2.02
CA ASP A 335 -11.55 -16.83 2.43
C ASP A 335 -12.64 -17.20 3.44
N PRO A 336 -13.52 -18.16 3.07
CA PRO A 336 -14.62 -18.57 3.96
C PRO A 336 -14.16 -19.34 5.21
N ARG A 337 -12.90 -19.78 5.20
CA ARG A 337 -12.31 -20.44 6.38
C ARG A 337 -12.10 -19.44 7.51
N VAL A 338 -12.15 -18.16 7.17
CA VAL A 338 -11.82 -17.09 8.12
C VAL A 338 -12.96 -16.07 8.27
N PHE A 339 -13.59 -15.72 7.15
CA PHE A 339 -14.60 -14.66 7.16
C PHE A 339 -16.01 -15.16 6.82
N ALA A 340 -16.96 -14.83 7.67
CA ALA A 340 -18.37 -15.16 7.46
C ALA A 340 -18.95 -14.29 6.35
N ASP A 341 -19.74 -14.90 5.47
CA ASP A 341 -20.34 -14.21 4.32
C ASP A 341 -19.32 -13.29 3.66
N ALA A 342 -18.19 -13.89 3.28
CA ALA A 342 -16.99 -13.19 2.87
C ALA A 342 -17.14 -12.33 1.62
N ASP A 343 -18.08 -12.71 0.76
CA ASP A 343 -18.32 -12.00 -0.50
C ASP A 343 -19.39 -10.91 -0.38
N ARG A 344 -19.61 -10.43 0.84
CA ARG A 344 -20.53 -9.33 1.08
C ARG A 344 -19.87 -8.24 1.91
N PHE A 345 -19.97 -7.00 1.43
CA PHE A 345 -19.49 -5.84 2.18
C PHE A 345 -20.48 -5.57 3.31
N ASP A 346 -19.98 -5.73 4.54
CA ASP A 346 -20.81 -5.55 5.73
C ASP A 346 -19.96 -5.05 6.89
N ILE A 347 -20.17 -3.78 7.24
CA ILE A 347 -19.41 -3.12 8.30
C ILE A 347 -19.93 -3.46 9.70
N THR A 348 -21.10 -4.06 9.78
CA THR A 348 -21.76 -4.34 11.06
C THR A 348 -21.30 -5.66 11.70
N VAL A 349 -20.45 -6.40 10.98
CA VAL A 349 -19.91 -7.66 11.48
C VAL A 349 -18.60 -7.41 12.24
N LYS A 350 -18.60 -7.71 13.53
CA LYS A 350 -17.38 -7.66 14.33
C LYS A 350 -16.55 -8.91 14.03
N ARG A 351 -15.49 -8.74 13.25
CA ARG A 351 -14.70 -9.86 12.75
C ARG A 351 -13.49 -10.17 13.63
N GLU A 352 -13.29 -11.46 13.89
CA GLU A 352 -12.18 -11.93 14.73
C GLU A 352 -10.83 -11.68 14.08
N ALA A 353 -10.74 -11.94 12.78
CA ALA A 353 -9.50 -11.75 12.04
C ALA A 353 -9.48 -10.39 11.36
N PRO A 354 -8.34 -9.68 11.43
CA PRO A 354 -8.23 -8.41 10.74
C PRO A 354 -8.01 -8.63 9.26
N SER A 355 -8.05 -7.55 8.49
CA SER A 355 -7.54 -7.59 7.12
C SER A 355 -6.03 -7.80 7.22
N ILE A 356 -5.45 -8.32 6.15
CA ILE A 356 -4.00 -8.41 6.05
C ILE A 356 -3.52 -7.48 4.92
N ALA A 357 -4.09 -6.27 4.92
CA ALA A 357 -3.82 -5.26 3.89
C ALA A 357 -2.43 -4.63 4.01
N PHE A 358 -1.76 -4.90 5.13
CA PHE A 358 -0.47 -4.30 5.43
C PHE A 358 0.68 -5.30 5.46
N GLY A 359 0.44 -6.49 4.88
CA GLY A 359 1.44 -7.55 4.83
C GLY A 359 1.69 -8.21 6.18
N GLY A 360 2.93 -8.63 6.38
CA GLY A 360 3.32 -9.34 7.60
C GLY A 360 4.81 -9.66 7.59
N GLY A 361 5.32 -10.10 8.73
CA GLY A 361 6.75 -10.33 8.89
C GLY A 361 7.48 -9.04 9.25
N PRO A 362 8.82 -9.08 9.29
CA PRO A 362 9.59 -7.88 9.65
C PRO A 362 9.42 -6.72 8.67
N HIS A 363 8.94 -7.01 7.46
CA HIS A 363 8.72 -5.98 6.44
C HIS A 363 7.31 -5.41 6.43
N PHE A 364 6.48 -5.79 7.41
CA PHE A 364 5.09 -5.31 7.45
C PHE A 364 5.02 -3.79 7.42
N CYS A 365 3.97 -3.27 6.78
CA CYS A 365 3.83 -1.83 6.57
C CYS A 365 4.22 -1.00 7.79
N LEU A 366 5.24 -0.17 7.62
CA LEU A 366 5.73 0.70 8.69
C LEU A 366 4.66 1.71 9.12
N GLY A 367 3.85 2.16 8.17
CA GLY A 367 2.83 3.16 8.44
C GLY A 367 1.45 2.61 8.76
N THR A 368 1.39 1.32 9.09
CA THR A 368 0.13 0.63 9.42
C THR A 368 -0.80 1.47 10.30
N ALA A 369 -0.30 1.89 11.47
CA ALA A 369 -1.09 2.60 12.47
C ALA A 369 -1.50 4.01 12.03
N LEU A 370 -0.62 4.69 11.31
CA LEU A 370 -0.91 6.00 10.74
C LEU A 370 -1.95 5.91 9.63
N ALA A 371 -1.79 4.91 8.76
CA ALA A 371 -2.75 4.65 7.68
C ALA A 371 -4.16 4.42 8.26
N ARG A 372 -4.26 3.58 9.29
CA ARG A 372 -5.55 3.32 9.93
C ARG A 372 -6.11 4.56 10.63
N LEU A 373 -5.24 5.39 11.19
CA LEU A 373 -5.64 6.65 11.81
C LEU A 373 -6.27 7.60 10.79
N GLU A 374 -5.60 7.80 9.66
CA GLU A 374 -6.09 8.68 8.59
C GLU A 374 -7.40 8.18 8.01
N LEU A 375 -7.53 6.86 7.86
CA LEU A 375 -8.74 6.24 7.33
C LEU A 375 -9.93 6.36 8.29
N THR A 376 -9.68 6.11 9.58
CA THR A 376 -10.70 6.19 10.62
C THR A 376 -11.22 7.61 10.82
N GLU A 377 -10.30 8.57 10.95
CA GLU A 377 -10.65 9.98 11.13
C GLU A 377 -11.46 10.50 9.94
N ALA A 378 -11.09 10.06 8.73
CA ALA A 378 -11.79 10.47 7.51
C ALA A 378 -13.20 9.89 7.45
N VAL A 379 -13.32 8.57 7.57
CA VAL A 379 -14.61 7.88 7.48
C VAL A 379 -15.59 8.34 8.57
N ALA A 380 -15.09 8.48 9.79
CA ALA A 380 -15.90 8.97 10.91
C ALA A 380 -16.49 10.35 10.65
N ALA A 381 -15.65 11.29 10.23
CA ALA A 381 -16.06 12.67 10.01
C ALA A 381 -16.90 12.87 8.76
N LEU A 382 -16.58 12.15 7.69
CA LEU A 382 -17.34 12.24 6.44
C LEU A 382 -18.75 11.69 6.62
N ALA A 383 -18.85 10.52 7.27
CA ALA A 383 -20.13 9.86 7.50
C ALA A 383 -21.02 10.59 8.50
N THR A 384 -20.41 11.29 9.46
CA THR A 384 -21.14 12.09 10.44
C THR A 384 -21.71 13.36 9.80
N ARG A 385 -20.92 14.01 8.95
CA ARG A 385 -21.28 15.33 8.42
C ARG A 385 -21.99 15.32 7.07
N LEU A 386 -21.76 14.30 6.25
CA LEU A 386 -22.27 14.29 4.89
C LEU A 386 -23.27 13.16 4.60
N ASP A 387 -24.09 13.39 3.57
CA ASP A 387 -24.98 12.35 3.06
C ASP A 387 -24.17 11.29 2.32
N PRO A 388 -24.76 10.09 2.10
CA PRO A 388 -24.00 9.03 1.44
C PRO A 388 -23.50 9.45 0.05
N PRO A 389 -22.26 9.06 -0.29
CA PRO A 389 -21.70 9.40 -1.60
C PRO A 389 -22.41 8.67 -2.74
N GLN A 390 -22.38 9.27 -3.91
CA GLN A 390 -22.80 8.60 -5.15
C GLN A 390 -21.92 9.06 -6.29
N ILE A 391 -21.55 8.11 -7.16
CA ILE A 391 -20.60 8.36 -8.25
C ILE A 391 -21.17 9.35 -9.28
N ALA A 392 -20.34 10.31 -9.69
CA ALA A 392 -20.76 11.38 -10.58
C ALA A 392 -19.87 11.53 -11.82
N GLY A 393 -19.48 10.40 -12.41
CA GLY A 393 -18.69 10.41 -13.64
C GLY A 393 -17.74 9.24 -13.78
N GLU A 394 -16.77 9.40 -14.68
CA GLU A 394 -15.78 8.35 -14.95
C GLU A 394 -14.75 8.23 -13.84
N ILE A 395 -14.69 7.04 -13.25
CA ILE A 395 -13.64 6.71 -12.30
C ILE A 395 -12.45 6.21 -13.11
N THR A 396 -11.33 6.92 -12.99
CA THR A 396 -10.11 6.58 -13.73
C THR A 396 -9.23 5.63 -12.93
N TRP A 397 -9.55 4.34 -12.99
CA TRP A 397 -8.78 3.30 -12.30
C TRP A 397 -7.40 3.16 -12.89
N ARG A 398 -6.39 3.07 -12.02
CA ARG A 398 -5.03 2.79 -12.44
C ARG A 398 -4.93 1.38 -13.00
N HIS A 399 -4.72 1.28 -14.32
CA HIS A 399 -4.51 -0.01 -14.97
C HIS A 399 -3.07 -0.44 -14.75
N GLU A 400 -2.73 -0.67 -13.48
CA GLU A 400 -1.38 -1.00 -13.04
C GLU A 400 -1.41 -2.29 -12.23
N LEU A 401 -0.48 -3.18 -12.54
CA LEU A 401 -0.42 -4.52 -11.95
C LEU A 401 -0.11 -4.47 -10.46
N GLY A 402 -1.03 -5.01 -9.66
CA GLY A 402 -0.84 -5.12 -8.21
C GLY A 402 -1.39 -3.97 -7.39
N VAL A 403 -1.92 -2.95 -8.06
CA VAL A 403 -2.43 -1.75 -7.37
C VAL A 403 -3.87 -1.43 -7.77
N ALA A 404 -4.71 -1.21 -6.76
CA ALA A 404 -6.09 -0.78 -6.98
C ALA A 404 -6.30 0.62 -6.43
N GLY A 405 -6.94 1.47 -7.23
CA GLY A 405 -7.21 2.83 -6.80
C GLY A 405 -7.50 3.79 -7.93
N PRO A 406 -8.51 4.66 -7.75
CA PRO A 406 -8.84 5.72 -8.70
C PRO A 406 -7.79 6.82 -8.73
N ASP A 407 -7.45 7.28 -9.93
CA ASP A 407 -6.65 8.51 -10.09
C ASP A 407 -7.57 9.71 -9.90
N ALA A 408 -8.83 9.55 -10.28
CA ALA A 408 -9.88 10.55 -10.05
C ALA A 408 -11.18 9.85 -9.68
N LEU A 409 -11.86 10.37 -8.67
CA LEU A 409 -13.14 9.82 -8.23
C LEU A 409 -14.21 10.92 -8.15
N PRO A 410 -14.93 11.14 -9.26
CA PRO A 410 -15.99 12.13 -9.26
C PRO A 410 -17.21 11.62 -8.50
N LEU A 411 -17.72 12.43 -7.59
CA LEU A 411 -18.87 12.06 -6.77
C LEU A 411 -19.64 13.27 -6.26
N ARG A 412 -20.72 12.99 -5.54
CA ARG A 412 -21.46 14.00 -4.80
C ARG A 412 -21.92 13.38 -3.49
N PHE A 413 -22.03 14.20 -2.45
CA PHE A 413 -22.55 13.73 -1.17
C PHE A 413 -24.01 14.18 -1.02
N GLY A 414 -24.92 13.27 -1.33
CA GLY A 414 -26.35 13.57 -1.31
C GLY A 414 -26.90 13.84 -2.69
N ALA A 415 -28.12 13.36 -2.93
CA ALA A 415 -28.78 13.49 -4.22
C ALA A 415 -29.09 14.94 -4.61
N ALA A 416 -29.66 15.69 -3.68
CA ALA A 416 -30.12 17.06 -3.95
C ALA A 416 -28.97 18.03 -4.23
CHA HEM B . 5.20 -1.64 3.24
CHB HEM B . 0.38 -1.56 2.58
CHC HEM B . 0.26 3.07 4.00
CHD HEM B . 5.05 3.02 4.75
C1A HEM B . 3.91 -2.04 2.95
C2A HEM B . 3.50 -3.36 2.53
C3A HEM B . 2.17 -3.32 2.35
C4A HEM B . 1.70 -1.99 2.65
CMA HEM B . 1.28 -4.49 1.90
CAA HEM B . 4.42 -4.58 2.31
CBA HEM B . 4.51 -5.40 3.59
CGA HEM B . 5.25 -6.69 3.35
O1A HEM B . 6.17 -6.72 2.48
O2A HEM B . 4.93 -7.69 4.03
C1B HEM B . -0.08 -0.30 2.87
C2B HEM B . -1.44 0.18 2.72
C3B HEM B . -1.48 1.47 3.11
C4B HEM B . -0.14 1.84 3.53
CMB HEM B . -2.62 -0.67 2.17
CAB HEM B . -2.71 2.41 3.10
CBB HEM B . -3.83 2.09 3.78
C1C HEM B . 1.52 3.45 4.41
C2C HEM B . 1.90 4.67 5.10
C3C HEM B . 3.23 4.65 5.30
C4C HEM B . 3.73 3.42 4.74
CMC HEM B . 0.91 5.78 5.53
CAC HEM B . 4.14 5.70 5.98
CBC HEM B . 3.67 6.72 6.72
C1D HEM B . 5.56 1.79 4.39
C2D HEM B . 6.96 1.43 4.39
C3D HEM B . 7.00 -0.03 3.92
C4D HEM B . 5.62 -0.40 3.67
CMD HEM B . 8.15 2.33 4.79
CAD HEM B . 8.26 -0.90 3.75
CBD HEM B . 8.43 -1.67 5.05
CGD HEM B . 9.67 -2.50 5.05
O1D HEM B . 10.35 -2.54 6.10
O2D HEM B . 9.99 -3.14 4.01
NA HEM B . 2.79 -1.23 3.01
NB HEM B . 0.68 0.74 3.36
NC HEM B . 2.68 2.71 4.21
ND HEM B . 4.81 0.69 3.95
FE HEM B . 2.74 0.71 3.63
CAA P3Z C . 2.18 -4.61 -4.91
OAB P3Z C . 6.40 -0.56 -0.65
CAC P3Z C . 3.76 -3.60 -2.02
CAD P3Z C . 4.27 -2.72 -4.22
CAE P3Z C . 4.29 -2.45 -1.44
CAF P3Z C . 4.79 -1.56 -3.62
CAG P3Z C . 2.36 1.74 0.71
CAH P3Z C . 3.23 1.24 -1.36
CAI P3Z C . 4.28 0.49 0.64
CAJ P3Z C . 6.84 1.96 -2.03
CAK P3Z C . 7.46 0.80 -2.82
NAL P3Z C . 2.32 1.83 -0.61
NAM P3Z C . 3.32 1.09 1.33
OAN P3Z C . 3.23 -4.88 -3.98
CAO P3Z C . 3.75 -3.74 -3.42
CAP P3Z C . 4.80 -1.41 -2.23
CAQ P3Z C . 4.27 0.54 -0.75
CAR P3Z C . 5.95 0.85 -2.59
CAS P3Z C . 5.37 -0.16 -1.56
C1 GOL D . -6.40 -23.41 5.26
O1 GOL D . -6.03 -22.21 4.61
C2 GOL D . -5.70 -24.61 4.63
O2 GOL D . -5.62 -24.45 3.23
C3 GOL D . -6.47 -25.88 4.95
O3 GOL D . -5.84 -26.98 4.35
C1 GOL E . 11.36 -12.82 6.77
O1 GOL E . 12.70 -13.19 6.52
C2 GOL E . 10.71 -12.42 5.45
O2 GOL E . 10.63 -11.01 5.38
C3 GOL E . 9.29 -12.99 5.40
O3 GOL E . 9.12 -13.79 4.26
CL CL F . -7.96 -28.27 0.38
CL CL G . -12.27 -21.13 -0.73
CL CL H . -16.00 -12.73 10.31
#